data_5LL7
#
_entry.id   5LL7
#
_cell.length_a   49.033
_cell.length_b   65.764
_cell.length_c   72.210
_cell.angle_alpha   90.00
_cell.angle_beta   90.00
_cell.angle_gamma   90.00
#
_symmetry.space_group_name_H-M   'P 21 21 21'
#
loop_
_entity.id
_entity.type
_entity.pdbx_description
1 polymer Beta-lactamase
2 non-polymer '(~{E})-3-[2-(dihydroxyboranyl)phenyl]prop-2-enoic acid'
3 non-polymer 1,2-ETHANEDIOL
4 water water
#
_entity_poly.entity_id   1
_entity_poly.type   'polypeptide(L)'
_entity_poly.pdbx_seq_one_letter_code
;TNLVAEPFAKLEQDFGGSIGVYAMDTGSGATVSYRAEERFPLCSSFKGFLAAAVLARSQQQAGLLDTPIRYGKNALVPWS
PISEKYLTTGMTVAELSAAAVQYSDNAAANLLLKELGGPAGLTAFMRSIGDTTFRLDRWELELNSAIPGDARDTSSPRAV
TESLQKLTLGSALAAPQRQQFVDWLKGNTTGNHRIRAAVPADWAVGDKTGTCGVYGTANDYAVVWPTGRAPIVLAVYTRA
PNKDDKHSEAVIAAAARLALEGLGVNGQ
;
_entity_poly.pdbx_strand_id   A
#
loop_
_chem_comp.id
_chem_comp.type
_chem_comp.name
_chem_comp.formula
6YV non-polymer '(~{E})-3-[2-(dihydroxyboranyl)phenyl]prop-2-enoic acid' 'C9 H9 B O4'
EDO non-polymer 1,2-ETHANEDIOL 'C2 H6 O2'
#
# COMPACT_ATOMS: atom_id res chain seq x y z
N THR A 1 4.77 12.67 28.84
CA THR A 1 3.54 12.03 28.38
C THR A 1 3.12 12.57 27.01
N ASN A 2 2.45 11.73 26.24
CA ASN A 2 1.99 12.06 24.91
C ASN A 2 0.47 11.92 24.91
N LEU A 3 -0.24 13.04 25.08
CA LEU A 3 -1.69 13.00 25.13
C LEU A 3 -2.31 12.68 23.77
N VAL A 4 -1.68 13.13 22.68
CA VAL A 4 -2.17 12.84 21.34
C VAL A 4 -2.25 11.35 21.10
N ALA A 5 -1.32 10.59 21.70
CA ALA A 5 -1.19 9.17 21.44
C ALA A 5 -2.18 8.33 22.23
N GLU A 6 -2.76 8.87 23.29
CA GLU A 6 -3.59 8.05 24.18
C GLU A 6 -4.78 7.39 23.50
N PRO A 7 -5.52 8.07 22.61
CA PRO A 7 -6.61 7.37 21.90
C PRO A 7 -6.14 6.24 21.02
N PHE A 8 -4.93 6.34 20.47
CA PHE A 8 -4.39 5.24 19.66
C PHE A 8 -4.04 4.05 20.54
N ALA A 9 -3.45 4.31 21.71
CA ALA A 9 -3.14 3.22 22.64
C ALA A 9 -4.40 2.52 23.09
N LYS A 10 -5.47 3.29 23.37
CA LYS A 10 -6.74 2.69 23.74
C LYS A 10 -7.30 1.84 22.62
N LEU A 11 -7.20 2.34 21.38
CA LEU A 11 -7.71 1.58 20.24
C LEU A 11 -6.95 0.27 20.07
N GLU A 12 -5.61 0.31 20.13
CA GLU A 12 -4.86 -0.93 19.92
C GLU A 12 -5.09 -1.91 21.07
N GLN A 13 -5.32 -1.41 22.28
CA GLN A 13 -5.62 -2.31 23.39
C GLN A 13 -6.98 -2.97 23.22
N ASP A 14 -7.99 -2.21 22.76
CA ASP A 14 -9.28 -2.81 22.43
C ASP A 14 -9.13 -3.83 21.30
N PHE A 15 -8.29 -3.52 20.31
CA PHE A 15 -8.06 -4.42 19.18
C PHE A 15 -7.35 -5.69 19.60
N GLY A 16 -6.45 -5.58 20.57
CA GLY A 16 -5.66 -6.71 21.01
C GLY A 16 -4.34 -6.88 20.30
N GLY A 17 -3.74 -5.80 19.81
CA GLY A 17 -2.48 -5.89 19.09
C GLY A 17 -1.84 -4.53 19.03
N SER A 18 -1.13 -4.27 17.94
CA SER A 18 -0.39 -3.03 17.73
C SER A 18 -0.88 -2.34 16.47
N ILE A 19 -0.98 -1.01 16.54
CA ILE A 19 -1.39 -0.20 15.40
C ILE A 19 -0.29 0.83 15.15
N GLY A 20 0.07 1.00 13.89
CA GLY A 20 1.03 2.02 13.49
C GLY A 20 0.41 3.00 12.54
N VAL A 21 0.60 4.30 12.80
CA VAL A 21 -0.06 5.36 12.06
C VAL A 21 0.96 6.45 11.76
N TYR A 22 0.97 6.94 10.52
CA TYR A 22 1.66 8.18 10.20
C TYR A 22 0.80 8.94 9.23
N ALA A 23 0.61 10.23 9.46
CA ALA A 23 -0.20 11.05 8.57
C ALA A 23 0.47 12.40 8.42
N MET A 24 0.43 12.93 7.19
CA MET A 24 1.08 14.20 6.88
C MET A 24 0.09 15.07 6.14
N ASP A 25 -0.10 16.30 6.62
CA ASP A 25 -0.87 17.29 5.87
C ASP A 25 0.12 18.06 5.01
N THR A 26 0.03 17.89 3.69
CA THR A 26 1.02 18.50 2.81
C THR A 26 0.85 20.01 2.69
N GLY A 27 -0.25 20.57 3.16
CA GLY A 27 -0.41 22.02 3.11
C GLY A 27 0.29 22.73 4.24
N SER A 28 0.22 22.16 5.44
CA SER A 28 0.73 22.80 6.63
C SER A 28 2.01 22.15 7.16
N GLY A 29 2.33 20.93 6.72
CA GLY A 29 3.41 20.17 7.30
C GLY A 29 3.08 19.48 8.61
N ALA A 30 1.85 19.61 9.09
CA ALA A 30 1.46 18.97 10.35
C ALA A 30 1.44 17.45 10.18
N THR A 31 1.75 16.74 11.27
CA THR A 31 1.81 15.29 11.22
C THR A 31 1.14 14.69 12.46
N VAL A 32 0.79 13.41 12.32
CA VAL A 32 0.37 12.58 13.44
C VAL A 32 1.16 11.28 13.33
N SER A 33 1.73 10.84 14.47
CA SER A 33 2.61 9.66 14.50
C SER A 33 2.25 8.79 15.69
N TYR A 34 2.08 7.49 15.44
CA TYR A 34 1.94 6.53 16.52
C TYR A 34 2.58 5.22 16.09
N ARG A 35 3.62 4.79 16.80
CA ARG A 35 4.44 3.66 16.34
C ARG A 35 4.86 3.82 14.89
N ALA A 36 5.09 5.08 14.47
CA ALA A 36 5.26 5.36 13.04
C ALA A 36 6.53 4.78 12.46
N GLU A 37 7.54 4.51 13.27
CA GLU A 37 8.79 3.95 12.76
C GLU A 37 8.94 2.47 13.05
N GLU A 38 7.94 1.84 13.65
CA GLU A 38 7.98 0.40 13.83
C GLU A 38 7.70 -0.30 12.51
N ARG A 39 8.27 -1.50 12.36
CA ARG A 39 8.02 -2.31 11.18
C ARG A 39 6.71 -3.08 11.31
N PHE A 40 5.97 -3.13 10.21
CA PHE A 40 4.78 -3.95 10.08
C PHE A 40 4.85 -4.66 8.74
N PRO A 41 4.26 -5.85 8.63
CA PRO A 41 4.24 -6.53 7.33
C PRO A 41 3.50 -5.70 6.29
N LEU A 42 4.06 -5.67 5.08
CA LEU A 42 3.45 -4.96 3.97
C LEU A 42 2.20 -5.68 3.48
N CYS A 43 2.22 -7.00 3.48
CA CYS A 43 1.15 -7.78 2.84
C CYS A 43 1.00 -7.25 1.41
N SER A 44 -0.25 -7.24 0.90
CA SER A 44 -0.46 -6.82 -0.48
C SER A 44 -0.23 -5.33 -0.71
N SER A 45 -0.02 -4.55 0.36
CA SER A 45 0.22 -3.13 0.12
C SER A 45 1.49 -2.89 -0.70
N PHE A 46 2.39 -3.87 -0.79
CA PHE A 46 3.53 -3.72 -1.67
C PHE A 46 3.11 -3.51 -3.12
N LYS A 47 1.89 -3.94 -3.48
CA LYS A 47 1.51 -3.92 -4.89
C LYS A 47 1.34 -2.50 -5.42
N GLY A 48 1.03 -1.53 -4.56
CA GLY A 48 1.01 -0.16 -5.01
C GLY A 48 2.39 0.32 -5.42
N PHE A 49 3.39 0.06 -4.58
CA PHE A 49 4.75 0.46 -4.91
C PHE A 49 5.26 -0.31 -6.12
N LEU A 50 4.86 -1.57 -6.27
CA LEU A 50 5.14 -2.33 -7.47
C LEU A 50 4.66 -1.60 -8.72
N ALA A 51 3.41 -1.15 -8.71
CA ALA A 51 2.87 -0.42 -9.85
C ALA A 51 3.67 0.85 -10.13
N ALA A 52 4.07 1.56 -9.06
CA ALA A 52 4.87 2.76 -9.27
C ALA A 52 6.22 2.42 -9.89
N ALA A 53 6.82 1.31 -9.48
CA ALA A 53 8.08 0.89 -10.05
C ALA A 53 7.94 0.56 -11.54
N VAL A 54 6.83 -0.09 -11.91
CA VAL A 54 6.56 -0.36 -13.33
C VAL A 54 6.41 0.94 -14.09
N LEU A 55 5.67 1.90 -13.51
CA LEU A 55 5.53 3.20 -14.16
C LEU A 55 6.87 3.89 -14.34
N ALA A 56 7.73 3.83 -13.32
CA ALA A 56 9.07 4.41 -13.45
C ALA A 56 9.83 3.81 -14.61
N ARG A 57 9.80 2.48 -14.74
CA ARG A 57 10.47 1.83 -15.86
C ARG A 57 9.89 2.27 -17.19
N SER A 58 8.56 2.47 -17.26
CA SER A 58 7.96 2.82 -18.53
C SER A 58 8.42 4.17 -19.05
N GLN A 59 9.00 5.01 -18.18
CA GLN A 59 9.49 6.32 -18.60
C GLN A 59 10.66 6.20 -19.59
N GLN A 60 11.39 5.10 -19.56
CA GLN A 60 12.50 4.90 -20.48
C GLN A 60 12.21 3.85 -21.55
N GLN A 61 11.03 3.24 -21.54
CA GLN A 61 10.72 2.13 -22.46
C GLN A 61 9.41 2.47 -23.18
N ALA A 62 9.54 2.90 -24.44
CA ALA A 62 8.39 3.38 -25.20
C ALA A 62 7.35 2.29 -25.37
N GLY A 63 6.13 2.57 -24.94
CA GLY A 63 5.05 1.60 -25.07
C GLY A 63 5.09 0.43 -24.13
N LEU A 64 5.94 0.46 -23.09
CA LEU A 64 5.97 -0.64 -22.13
C LEU A 64 4.59 -0.90 -21.53
N LEU A 65 3.92 0.16 -21.08
CA LEU A 65 2.63 0.00 -20.44
C LEU A 65 1.60 -0.61 -21.38
N ASP A 66 1.73 -0.35 -22.68
CA ASP A 66 0.80 -0.83 -23.68
C ASP A 66 1.14 -2.24 -24.19
N THR A 67 2.21 -2.86 -23.67
CA THR A 67 2.69 -4.15 -24.16
C THR A 67 1.79 -5.28 -23.66
N PRO A 68 1.27 -6.12 -24.54
CA PRO A 68 0.44 -7.26 -24.10
C PRO A 68 1.30 -8.41 -23.58
N ILE A 69 0.81 -9.04 -22.52
CA ILE A 69 1.49 -10.16 -21.86
C ILE A 69 0.55 -11.36 -21.94
N ARG A 70 1.00 -12.44 -22.59
CA ARG A 70 0.19 -13.64 -22.77
C ARG A 70 0.67 -14.74 -21.84
N TYR A 71 0.33 -14.58 -20.57
CA TYR A 71 0.68 -15.54 -19.54
C TYR A 71 -0.18 -16.80 -19.67
N GLY A 72 0.31 -17.89 -19.09
CA GLY A 72 -0.43 -19.14 -19.05
C GLY A 72 -0.98 -19.42 -17.67
N LYS A 73 -1.66 -20.57 -17.57
CA LYS A 73 -2.28 -20.98 -16.32
C LYS A 73 -1.25 -21.14 -15.21
N ASN A 74 0.01 -21.43 -15.55
CA ASN A 74 1.04 -21.59 -14.53
C ASN A 74 1.38 -20.29 -13.81
N ALA A 75 1.02 -19.14 -14.38
CA ALA A 75 1.18 -17.87 -13.70
C ALA A 75 0.08 -17.60 -12.68
N LEU A 76 -1.00 -18.36 -12.68
CA LEU A 76 -2.12 -18.03 -11.81
C LEU A 76 -1.86 -18.47 -10.37
N VAL A 77 -2.44 -17.71 -9.46
CA VAL A 77 -2.31 -17.83 -8.00
C VAL A 77 -3.69 -17.66 -7.41
N PRO A 78 -3.98 -18.28 -6.26
CA PRO A 78 -5.27 -18.01 -5.61
C PRO A 78 -5.50 -16.50 -5.46
N TRP A 79 -6.77 -16.10 -5.62
CA TRP A 79 -7.18 -14.70 -5.61
C TRP A 79 -6.45 -13.90 -6.68
N SER A 80 -6.63 -14.35 -7.92
CA SER A 80 -6.20 -13.64 -9.12
C SER A 80 -7.40 -13.45 -10.05
N PRO A 81 -8.44 -12.75 -9.58
CA PRO A 81 -9.70 -12.73 -10.34
C PRO A 81 -9.59 -12.05 -11.69
N ILE A 82 -8.77 -11.00 -11.81
CA ILE A 82 -8.63 -10.34 -13.09
C ILE A 82 -7.78 -11.18 -14.03
N SER A 83 -6.68 -11.74 -13.52
CA SER A 83 -5.81 -12.57 -14.35
C SER A 83 -6.53 -13.80 -14.86
N GLU A 84 -7.35 -14.43 -14.01
CA GLU A 84 -8.11 -15.58 -14.49
C GLU A 84 -9.11 -15.16 -15.57
N LYS A 85 -9.77 -14.01 -15.36
CA LYS A 85 -10.78 -13.54 -16.30
C LYS A 85 -10.16 -13.29 -17.67
N TYR A 86 -8.94 -12.78 -17.71
CA TYR A 86 -8.30 -12.42 -18.96
C TYR A 86 -7.27 -13.45 -19.42
N LEU A 87 -7.31 -14.66 -18.85
CA LEU A 87 -6.33 -15.68 -19.21
C LEU A 87 -6.38 -15.99 -20.70
N THR A 88 -7.58 -16.09 -21.26
CA THR A 88 -7.71 -16.43 -22.67
C THR A 88 -7.52 -15.24 -23.59
N THR A 89 -7.42 -14.02 -23.06
CA THR A 89 -7.19 -12.85 -23.91
C THR A 89 -5.82 -12.20 -23.72
N GLY A 90 -5.18 -12.38 -22.57
CA GLY A 90 -3.97 -11.65 -22.23
C GLY A 90 -4.29 -10.29 -21.63
N MET A 91 -3.27 -9.65 -21.07
CA MET A 91 -3.42 -8.33 -20.46
C MET A 91 -2.17 -7.50 -20.74
N THR A 92 -2.33 -6.19 -20.88
CA THR A 92 -1.16 -5.34 -21.02
C THR A 92 -0.52 -5.11 -19.65
N VAL A 93 0.72 -4.59 -19.69
CA VAL A 93 1.41 -4.22 -18.47
C VAL A 93 0.58 -3.25 -17.64
N ALA A 94 -0.06 -2.28 -18.31
CA ALA A 94 -0.91 -1.33 -17.58
C ALA A 94 -2.09 -2.04 -16.92
N GLU A 95 -2.70 -2.99 -17.63
CA GLU A 95 -3.85 -3.69 -17.07
C GLU A 95 -3.43 -4.60 -15.92
N LEU A 96 -2.26 -5.24 -16.04
CA LEU A 96 -1.76 -6.02 -14.91
C LEU A 96 -1.49 -5.13 -13.71
N SER A 97 -0.90 -3.95 -13.94
CA SER A 97 -0.61 -3.02 -12.86
C SER A 97 -1.91 -2.58 -12.17
N ALA A 98 -2.92 -2.22 -12.95
CA ALA A 98 -4.19 -1.80 -12.37
C ALA A 98 -4.84 -2.93 -11.60
N ALA A 99 -4.76 -4.18 -12.11
CA ALA A 99 -5.32 -5.32 -11.40
C ALA A 99 -4.62 -5.56 -10.07
N ALA A 100 -3.29 -5.46 -10.06
CA ALA A 100 -2.54 -5.60 -8.81
C ALA A 100 -2.94 -4.53 -7.80
N VAL A 101 -3.11 -3.29 -8.26
CA VAL A 101 -3.46 -2.20 -7.35
C VAL A 101 -4.91 -2.29 -6.91
N GLN A 102 -5.83 -2.52 -7.86
CA GLN A 102 -7.24 -2.28 -7.59
C GLN A 102 -7.99 -3.52 -7.14
N TYR A 103 -7.42 -4.71 -7.37
CA TYR A 103 -8.04 -5.96 -6.94
C TYR A 103 -7.07 -6.80 -6.13
N SER A 104 -5.87 -6.29 -5.84
CA SER A 104 -4.83 -7.08 -5.17
C SER A 104 -4.54 -8.37 -5.92
N ASP A 105 -4.70 -8.37 -7.24
CA ASP A 105 -4.57 -9.59 -8.04
C ASP A 105 -3.17 -10.18 -7.85
N ASN A 106 -3.11 -11.41 -7.36
CA ASN A 106 -1.82 -12.00 -6.98
C ASN A 106 -0.99 -12.41 -8.18
N ALA A 107 -1.61 -13.08 -9.16
CA ALA A 107 -0.87 -13.45 -10.37
C ALA A 107 -0.32 -12.22 -11.06
N ALA A 108 -1.12 -11.15 -11.15
CA ALA A 108 -0.64 -9.93 -11.81
C ALA A 108 0.56 -9.37 -11.08
N ALA A 109 0.50 -9.35 -9.74
CA ALA A 109 1.61 -8.85 -8.95
C ALA A 109 2.88 -9.65 -9.19
N ASN A 110 2.79 -10.98 -9.18
CA ASN A 110 3.99 -11.79 -9.36
C ASN A 110 4.56 -11.64 -10.77
N LEU A 111 3.68 -11.52 -11.77
CA LEU A 111 4.14 -11.29 -13.15
C LEU A 111 4.94 -10.01 -13.25
N LEU A 112 4.42 -8.93 -12.65
CA LEU A 112 5.13 -7.66 -12.69
C LEU A 112 6.40 -7.69 -11.86
N LEU A 113 6.37 -8.36 -10.71
CA LEU A 113 7.58 -8.52 -9.92
C LEU A 113 8.68 -9.19 -10.74
N LYS A 114 8.33 -10.23 -11.49
CA LYS A 114 9.33 -10.89 -12.33
C LYS A 114 9.93 -9.92 -13.34
N GLU A 115 9.11 -9.07 -13.95
CA GLU A 115 9.63 -8.11 -14.92
C GLU A 115 10.62 -7.16 -14.27
N LEU A 116 10.45 -6.84 -12.98
CA LEU A 116 11.32 -5.90 -12.29
C LEU A 116 12.54 -6.54 -11.66
N GLY A 117 12.74 -7.85 -11.83
CA GLY A 117 13.83 -8.51 -11.16
C GLY A 117 13.51 -9.04 -9.79
N GLY A 118 12.24 -9.29 -9.50
CA GLY A 118 11.86 -9.92 -8.27
C GLY A 118 11.78 -8.96 -7.10
N PRO A 119 11.56 -9.50 -5.91
CA PRO A 119 11.49 -8.66 -4.70
C PRO A 119 12.68 -7.73 -4.53
N ALA A 120 13.89 -8.19 -4.86
CA ALA A 120 15.06 -7.32 -4.73
C ALA A 120 15.02 -6.17 -5.73
N GLY A 121 14.40 -6.38 -6.90
CA GLY A 121 14.26 -5.29 -7.85
C GLY A 121 13.30 -4.22 -7.39
N LEU A 122 12.19 -4.62 -6.78
CA LEU A 122 11.29 -3.63 -6.20
C LEU A 122 11.95 -2.91 -5.03
N THR A 123 12.67 -3.65 -4.19
CA THR A 123 13.38 -3.00 -3.08
C THR A 123 14.39 -1.99 -3.60
N ALA A 124 15.10 -2.33 -4.68
CA ALA A 124 16.05 -1.39 -5.26
C ALA A 124 15.36 -0.14 -5.78
N PHE A 125 14.16 -0.28 -6.36
CA PHE A 125 13.43 0.93 -6.77
C PHE A 125 13.12 1.81 -5.57
N MET A 126 12.67 1.20 -4.46
CA MET A 126 12.36 1.99 -3.27
C MET A 126 13.61 2.68 -2.73
N ARG A 127 14.74 1.99 -2.76
CA ARG A 127 15.99 2.65 -2.36
C ARG A 127 16.28 3.85 -3.25
N SER A 128 15.96 3.74 -4.55
N SER A 128 15.98 3.74 -4.55
CA SER A 128 16.31 4.81 -5.48
CA SER A 128 16.33 4.83 -5.46
C SER A 128 15.50 6.08 -5.24
C SER A 128 15.49 6.08 -5.26
N ILE A 129 14.35 5.98 -4.56
CA ILE A 129 13.56 7.16 -4.21
C ILE A 129 13.84 7.63 -2.78
N GLY A 130 14.84 7.06 -2.12
CA GLY A 130 15.21 7.49 -0.79
C GLY A 130 14.56 6.73 0.35
N ASP A 131 13.89 5.62 0.06
CA ASP A 131 13.26 4.81 1.10
C ASP A 131 14.24 3.72 1.50
N THR A 132 14.78 3.83 2.73
CA THR A 132 15.75 2.87 3.24
C THR A 132 15.12 1.83 4.16
N THR A 133 13.82 1.95 4.42
CA THR A 133 13.12 1.06 5.34
C THR A 133 12.45 -0.11 4.63
N PHE A 134 11.80 0.17 3.50
CA PHE A 134 11.05 -0.84 2.75
C PHE A 134 11.94 -2.04 2.43
N ARG A 135 11.42 -3.24 2.64
CA ARG A 135 12.07 -4.42 2.11
C ARG A 135 11.02 -5.43 1.66
N LEU A 136 11.13 -5.88 0.42
CA LEU A 136 10.38 -7.04 -0.06
C LEU A 136 11.39 -8.14 -0.30
N ASP A 137 11.06 -9.33 0.19
CA ASP A 137 11.97 -10.47 0.20
C ASP A 137 11.38 -11.68 -0.49
N ARG A 138 10.07 -11.80 -0.52
CA ARG A 138 9.39 -12.98 -1.05
C ARG A 138 8.30 -12.55 -2.02
N TRP A 139 7.68 -13.54 -2.66
CA TRP A 139 6.63 -13.35 -3.64
C TRP A 139 5.27 -13.69 -3.03
N GLU A 140 4.20 -13.45 -3.80
CA GLU A 140 2.89 -13.94 -3.37
C GLU A 140 2.90 -15.47 -3.55
N LEU A 141 2.37 -16.25 -2.60
CA LEU A 141 1.69 -15.83 -1.38
C LEU A 141 2.57 -15.89 -0.12
N GLU A 142 3.84 -16.32 -0.28
CA GLU A 142 4.71 -16.55 0.86
CA GLU A 142 4.68 -16.56 0.89
C GLU A 142 4.93 -15.30 1.71
N LEU A 143 4.89 -14.11 1.08
CA LEU A 143 5.18 -12.86 1.78
C LEU A 143 4.15 -12.51 2.84
N ASN A 144 3.07 -13.27 2.98
CA ASN A 144 2.01 -12.95 3.93
C ASN A 144 2.20 -13.56 5.32
N SER A 145 3.34 -14.21 5.59
CA SER A 145 3.47 -15.00 6.81
C SER A 145 3.39 -14.14 8.08
N ALA A 146 3.85 -12.89 8.00
CA ALA A 146 3.61 -11.89 9.08
C ALA A 146 4.07 -12.37 10.45
N ILE A 147 5.19 -13.09 10.49
CA ILE A 147 5.64 -13.67 11.76
C ILE A 147 6.15 -12.55 12.67
N PRO A 148 5.71 -12.46 13.91
CA PRO A 148 6.20 -11.39 14.81
C PRO A 148 7.72 -11.42 14.89
N GLY A 149 8.33 -10.25 14.74
CA GLY A 149 9.78 -10.15 14.84
C GLY A 149 10.54 -10.43 13.56
N ASP A 150 9.86 -10.91 12.52
CA ASP A 150 10.48 -11.18 11.22
C ASP A 150 10.43 -9.89 10.41
N ALA A 151 11.59 -9.41 9.98
CA ALA A 151 11.64 -8.19 9.20
C ALA A 151 11.38 -8.40 7.71
N ARG A 152 11.28 -9.64 7.23
CA ARG A 152 11.03 -9.85 5.81
C ARG A 152 9.71 -9.21 5.42
N ASP A 153 9.71 -8.55 4.26
CA ASP A 153 8.46 -8.05 3.67
C ASP A 153 7.75 -7.06 4.59
N THR A 154 8.52 -6.09 5.10
CA THR A 154 7.99 -5.10 6.02
C THR A 154 8.41 -3.70 5.61
N SER A 155 7.69 -2.72 6.14
CA SER A 155 8.15 -1.33 6.17
C SER A 155 7.55 -0.68 7.41
N SER A 156 7.70 0.64 7.52
CA SER A 156 7.11 1.36 8.62
C SER A 156 6.04 2.30 8.09
N PRO A 157 5.04 2.66 8.92
CA PRO A 157 4.03 3.63 8.46
C PRO A 157 4.64 4.93 7.95
N ARG A 158 5.68 5.43 8.62
CA ARG A 158 6.28 6.68 8.17
C ARG A 158 6.95 6.52 6.81
N ALA A 159 7.71 5.45 6.62
CA ALA A 159 8.39 5.26 5.35
C ALA A 159 7.38 5.04 4.22
N VAL A 160 6.31 4.30 4.50
CA VAL A 160 5.26 4.11 3.50
C VAL A 160 4.66 5.45 3.09
N THR A 161 4.33 6.28 4.09
CA THR A 161 3.72 7.57 3.81
C THR A 161 4.68 8.48 3.05
N GLU A 162 5.94 8.51 3.46
CA GLU A 162 6.91 9.35 2.77
C GLU A 162 7.09 8.90 1.32
N SER A 163 7.19 7.60 1.09
CA SER A 163 7.34 7.12 -0.29
C SER A 163 6.08 7.39 -1.10
N LEU A 164 4.91 7.17 -0.49
CA LEU A 164 3.65 7.46 -1.19
C LEU A 164 3.59 8.93 -1.61
N GLN A 165 3.96 9.83 -0.70
CA GLN A 165 3.99 11.25 -1.03
CA GLN A 165 4.00 11.26 -1.04
C GLN A 165 4.92 11.53 -2.22
N LYS A 166 6.13 10.95 -2.21
CA LYS A 166 7.09 11.20 -3.29
C LYS A 166 6.53 10.76 -4.63
N LEU A 167 5.83 9.63 -4.63
CA LEU A 167 5.35 9.03 -5.88
C LEU A 167 4.07 9.64 -6.39
N THR A 168 3.16 10.07 -5.49
CA THR A 168 1.87 10.59 -5.93
C THR A 168 1.82 12.11 -6.01
N LEU A 169 2.70 12.82 -5.31
CA LEU A 169 2.61 14.27 -5.21
C LEU A 169 3.94 14.93 -5.53
N GLY A 170 5.01 14.20 -5.30
CA GLY A 170 6.36 14.72 -5.50
C GLY A 170 6.87 14.46 -6.90
N SER A 171 8.20 14.38 -7.01
CA SER A 171 8.84 14.27 -8.31
C SER A 171 9.52 12.93 -8.53
N ALA A 172 9.19 11.91 -7.73
CA ALA A 172 9.82 10.60 -7.94
C ALA A 172 9.42 10.00 -9.28
N LEU A 173 8.20 10.27 -9.75
CA LEU A 173 7.76 9.89 -11.08
C LEU A 173 7.60 11.14 -11.95
N ALA A 174 7.82 10.97 -13.25
CA ALA A 174 7.48 12.02 -14.19
C ALA A 174 5.97 12.25 -14.11
N ALA A 175 5.55 13.48 -14.40
CA ALA A 175 4.16 13.89 -14.22
C ALA A 175 3.15 12.93 -14.83
N PRO A 176 3.26 12.50 -16.09
CA PRO A 176 2.23 11.61 -16.64
C PRO A 176 2.14 10.28 -15.89
N GLN A 177 3.27 9.81 -15.37
CA GLN A 177 3.28 8.56 -14.62
C GLN A 177 2.76 8.76 -13.20
N ARG A 178 3.09 9.89 -12.56
CA ARG A 178 2.49 10.22 -11.28
C ARG A 178 0.97 10.20 -11.38
N GLN A 179 0.44 10.83 -12.43
CA GLN A 179 -1.02 10.88 -12.59
C GLN A 179 -1.61 9.50 -12.82
N GLN A 180 -0.92 8.65 -13.59
CA GLN A 180 -1.42 7.29 -13.78
C GLN A 180 -1.43 6.53 -12.46
N PHE A 181 -0.38 6.67 -11.65
CA PHE A 181 -0.36 6.01 -10.35
C PHE A 181 -1.55 6.46 -9.51
N VAL A 182 -1.77 7.78 -9.44
CA VAL A 182 -2.92 8.33 -8.73
C VAL A 182 -4.22 7.76 -9.27
N ASP A 183 -4.37 7.72 -10.61
CA ASP A 183 -5.61 7.20 -11.19
C ASP A 183 -5.85 5.74 -10.78
N TRP A 184 -4.80 4.92 -10.77
CA TRP A 184 -4.96 3.54 -10.34
C TRP A 184 -5.39 3.45 -8.88
N LEU A 185 -4.73 4.22 -8.01
CA LEU A 185 -5.08 4.22 -6.59
C LEU A 185 -6.53 4.68 -6.38
N LYS A 186 -7.00 5.70 -7.27
CA LYS A 186 -8.35 6.19 -6.98
C LYS A 186 -9.42 5.19 -7.39
N GLY A 187 -9.06 4.28 -8.27
CA GLY A 187 -9.95 3.22 -8.70
C GLY A 187 -9.87 1.96 -7.88
N ASN A 188 -9.20 1.96 -6.74
CA ASN A 188 -9.12 0.76 -5.94
C ASN A 188 -10.50 0.30 -5.51
N THR A 189 -10.74 -1.03 -5.52
CA THR A 189 -12.01 -1.59 -5.12
C THR A 189 -11.99 -2.25 -3.75
N THR A 190 -10.82 -2.43 -3.13
CA THR A 190 -10.68 -3.27 -1.94
C THR A 190 -10.70 -2.48 -0.64
N GLY A 191 -10.79 -1.16 -0.68
CA GLY A 191 -10.54 -0.37 0.51
C GLY A 191 -11.73 0.38 1.09
N ASN A 192 -12.96 -0.02 0.73
CA ASN A 192 -14.12 0.76 1.13
C ASN A 192 -14.34 0.79 2.64
N HIS A 193 -13.80 -0.17 3.38
CA HIS A 193 -14.02 -0.25 4.81
C HIS A 193 -12.84 0.23 5.64
N ARG A 194 -11.81 0.78 5.00
CA ARG A 194 -10.59 1.16 5.68
C ARG A 194 -10.48 2.68 5.69
N ILE A 195 -9.41 3.24 5.12
CA ILE A 195 -9.26 4.70 5.19
C ILE A 195 -10.46 5.41 4.56
N ARG A 196 -10.99 4.88 3.45
CA ARG A 196 -12.15 5.50 2.80
C ARG A 196 -13.33 5.66 3.74
N ALA A 197 -13.51 4.71 4.68
CA ALA A 197 -14.60 4.80 5.64
C ALA A 197 -14.40 5.91 6.65
N ALA A 198 -13.19 6.47 6.72
CA ALA A 198 -12.87 7.51 7.68
C ALA A 198 -12.99 8.90 7.09
N VAL A 199 -13.10 9.02 5.77
CA VAL A 199 -13.05 10.34 5.14
C VAL A 199 -14.44 10.79 4.72
N PRO A 200 -14.71 12.09 4.79
CA PRO A 200 -15.99 12.61 4.28
C PRO A 200 -16.21 12.18 2.84
N ALA A 201 -17.48 11.95 2.50
CA ALA A 201 -17.82 11.31 1.24
C ALA A 201 -17.39 12.12 0.03
N ASP A 202 -17.30 13.43 0.16
CA ASP A 202 -16.98 14.27 -1.00
C ASP A 202 -15.49 14.38 -1.27
N TRP A 203 -14.64 13.80 -0.43
CA TRP A 203 -13.21 13.88 -0.64
C TRP A 203 -12.75 12.77 -1.58
N ALA A 204 -11.79 13.08 -2.45
CA ALA A 204 -11.19 12.09 -3.32
C ALA A 204 -10.12 11.31 -2.56
N VAL A 205 -10.05 10.00 -2.83
CA VAL A 205 -9.14 9.10 -2.12
C VAL A 205 -8.53 8.12 -3.12
N GLY A 206 -7.22 7.96 -3.05
CA GLY A 206 -6.58 6.83 -3.68
C GLY A 206 -5.94 5.98 -2.60
N ASP A 207 -6.12 4.66 -2.61
CA ASP A 207 -5.55 3.86 -1.53
C ASP A 207 -5.10 2.50 -2.05
N LYS A 208 -4.30 1.82 -1.23
CA LYS A 208 -3.92 0.43 -1.48
C LYS A 208 -3.96 -0.31 -0.15
N THR A 209 -4.68 -1.42 -0.11
CA THR A 209 -4.83 -2.22 1.09
C THR A 209 -3.81 -3.35 1.11
N GLY A 210 -3.64 -3.91 2.31
CA GLY A 210 -2.91 -5.15 2.48
C GLY A 210 -3.57 -5.99 3.54
N THR A 211 -3.64 -7.31 3.35
CA THR A 211 -4.23 -8.20 4.35
C THR A 211 -3.40 -9.48 4.36
N CYS A 212 -2.60 -9.65 5.41
CA CYS A 212 -1.88 -10.92 5.56
C CYS A 212 -2.78 -11.99 6.18
N GLY A 213 -3.80 -11.56 6.92
CA GLY A 213 -4.74 -12.46 7.57
C GLY A 213 -4.22 -12.95 8.90
N VAL A 214 -3.11 -13.69 8.86
CA VAL A 214 -2.54 -14.21 10.10
C VAL A 214 -2.09 -13.05 10.97
N TYR A 215 -1.97 -13.33 12.27
CA TYR A 215 -1.40 -12.40 13.23
C TYR A 215 -2.10 -11.04 13.20
N GLY A 216 -3.42 -11.06 12.99
CA GLY A 216 -4.22 -9.84 12.95
C GLY A 216 -3.66 -8.74 12.07
N THR A 217 -3.03 -9.12 10.95
CA THR A 217 -2.17 -8.20 10.20
C THR A 217 -2.88 -7.72 8.93
N ALA A 218 -3.13 -6.42 8.87
CA ALA A 218 -3.76 -5.79 7.72
C ALA A 218 -3.43 -4.31 7.76
N ASN A 219 -3.67 -3.63 6.64
CA ASN A 219 -3.20 -2.26 6.53
C ASN A 219 -3.88 -1.55 5.36
N ASP A 220 -3.60 -0.25 5.25
CA ASP A 220 -4.09 0.58 4.16
C ASP A 220 -3.22 1.83 4.13
N TYR A 221 -2.92 2.33 2.95
CA TYR A 221 -2.31 3.65 2.84
C TYR A 221 -3.05 4.44 1.77
N ALA A 222 -3.02 5.76 1.90
CA ALA A 222 -3.89 6.56 1.05
C ALA A 222 -3.33 7.94 0.85
N VAL A 223 -3.66 8.52 -0.30
CA VAL A 223 -3.60 9.96 -0.53
C VAL A 223 -5.04 10.44 -0.57
N VAL A 224 -5.31 11.52 0.14
CA VAL A 224 -6.66 12.01 0.35
C VAL A 224 -6.69 13.48 -0.04
N TRP A 225 -7.62 13.85 -0.92
CA TRP A 225 -7.77 15.25 -1.32
C TRP A 225 -9.02 15.81 -0.70
N PRO A 226 -8.94 16.53 0.42
CA PRO A 226 -10.11 17.25 0.92
C PRO A 226 -10.49 18.30 -0.12
N THR A 227 -11.79 18.50 -0.31
CA THR A 227 -12.24 19.39 -1.37
C THR A 227 -11.61 20.77 -1.21
N GLY A 228 -10.84 21.18 -2.23
CA GLY A 228 -10.24 22.49 -2.27
C GLY A 228 -9.03 22.68 -1.38
N ARG A 229 -8.46 21.62 -0.82
CA ARG A 229 -7.36 21.76 0.14
C ARG A 229 -6.19 20.89 -0.30
N ALA A 230 -5.03 21.18 0.28
CA ALA A 230 -3.85 20.39 -0.01
C ALA A 230 -4.05 18.95 0.47
N PRO A 231 -3.46 17.98 -0.23
CA PRO A 231 -3.73 16.58 0.10
C PRO A 231 -3.06 16.13 1.41
N ILE A 232 -3.67 15.10 1.99
CA ILE A 232 -3.13 14.40 3.15
C ILE A 232 -2.63 13.02 2.69
N VAL A 233 -1.48 12.60 3.20
CA VAL A 233 -0.97 11.26 2.94
C VAL A 233 -0.89 10.54 4.27
N LEU A 234 -1.35 9.29 4.31
CA LEU A 234 -1.35 8.58 5.58
C LEU A 234 -1.26 7.08 5.36
N ALA A 235 -0.79 6.40 6.40
CA ALA A 235 -0.65 4.95 6.40
C ALA A 235 -1.09 4.43 7.75
N VAL A 236 -1.85 3.34 7.74
CA VAL A 236 -2.32 2.68 8.96
C VAL A 236 -2.01 1.20 8.81
N TYR A 237 -1.21 0.64 9.74
CA TYR A 237 -0.79 -0.76 9.72
C TYR A 237 -1.15 -1.41 11.05
N THR A 238 -1.53 -2.69 11.03
CA THR A 238 -1.83 -3.41 12.26
C THR A 238 -1.15 -4.77 12.29
N ARG A 239 -0.95 -5.25 13.51
CA ARG A 239 -0.54 -6.63 13.73
CA ARG A 239 -0.61 -6.64 13.79
C ARG A 239 -0.97 -7.04 15.13
N ALA A 240 -0.86 -8.33 15.42
CA ALA A 240 -1.31 -8.89 16.69
C ALA A 240 -0.44 -10.08 17.02
N PRO A 241 -0.39 -10.49 18.29
CA PRO A 241 0.66 -11.43 18.72
C PRO A 241 0.39 -12.90 18.46
N ASN A 242 -0.85 -13.30 18.19
CA ASN A 242 -1.16 -14.72 18.01
C ASN A 242 -1.52 -14.99 16.56
N LYS A 243 -1.15 -16.18 16.08
CA LYS A 243 -1.25 -16.45 14.64
C LYS A 243 -2.69 -16.40 14.16
N ASP A 244 -3.63 -16.88 14.98
CA ASP A 244 -5.04 -16.92 14.66
C ASP A 244 -5.79 -15.64 15.02
N ASP A 245 -5.09 -14.60 15.48
CA ASP A 245 -5.78 -13.36 15.77
C ASP A 245 -6.32 -12.77 14.47
N LYS A 246 -7.54 -12.21 14.52
CA LYS A 246 -8.19 -11.69 13.32
C LYS A 246 -7.89 -10.21 13.13
N HIS A 247 -7.63 -9.83 11.88
CA HIS A 247 -7.50 -8.41 11.55
C HIS A 247 -8.86 -7.73 11.66
N SER A 248 -8.84 -6.40 11.73
CA SER A 248 -10.06 -5.62 11.87
C SER A 248 -10.02 -4.41 10.93
N GLU A 249 -10.95 -4.38 9.98
CA GLU A 249 -11.08 -3.19 9.13
C GLU A 249 -11.57 -2.00 9.94
N ALA A 250 -12.48 -2.23 10.90
CA ALA A 250 -12.99 -1.12 11.70
C ALA A 250 -11.88 -0.43 12.47
N VAL A 251 -10.90 -1.19 12.94
CA VAL A 251 -9.79 -0.59 13.68
C VAL A 251 -8.95 0.31 12.76
N ILE A 252 -8.71 -0.14 11.53
CA ILE A 252 -7.99 0.68 10.56
C ILE A 252 -8.75 1.99 10.29
N ALA A 253 -10.06 1.89 10.06
CA ALA A 253 -10.85 3.10 9.85
C ALA A 253 -10.81 4.02 11.06
N ALA A 254 -10.91 3.44 12.26
CA ALA A 254 -10.94 4.23 13.48
C ALA A 254 -9.61 4.95 13.71
N ALA A 255 -8.50 4.28 13.42
CA ALA A 255 -7.19 4.92 13.54
C ALA A 255 -7.05 6.04 12.51
N ALA A 256 -7.56 5.82 11.30
CA ALA A 256 -7.50 6.86 10.28
C ALA A 256 -8.30 8.09 10.69
N ARG A 257 -9.47 7.88 11.31
CA ARG A 257 -10.25 9.02 11.79
C ARG A 257 -9.46 9.83 12.80
N LEU A 258 -8.83 9.15 13.76
CA LEU A 258 -8.05 9.85 14.77
C LEU A 258 -6.91 10.63 14.13
N ALA A 259 -6.26 10.05 13.12
CA ALA A 259 -5.19 10.76 12.43
C ALA A 259 -5.71 12.03 11.76
N LEU A 260 -6.84 11.94 11.05
CA LEU A 260 -7.38 13.13 10.41
C LEU A 260 -7.80 14.18 11.43
N GLU A 261 -8.34 13.73 12.56
CA GLU A 261 -8.74 14.66 13.61
C GLU A 261 -7.53 15.31 14.28
N GLY A 262 -6.43 14.57 14.40
CA GLY A 262 -5.23 15.10 15.04
C GLY A 262 -4.39 16.03 14.19
N LEU A 263 -4.67 16.13 12.89
CA LEU A 263 -3.85 16.96 12.02
C LEU A 263 -4.14 18.44 12.23
N GLY A 264 -3.08 19.25 12.12
CA GLY A 264 -3.24 20.68 11.96
C GLY A 264 -3.12 21.04 10.48
C10 6YV B . -3.10 -12.08 -0.43
O01 6YV B . -6.78 -6.41 1.52
C02 6YV B . -6.17 -6.82 0.52
O03 6YV B . -5.70 -6.06 -0.41
C04 6YV B . -5.89 -8.32 0.39
C05 6YV B . -4.99 -8.81 -0.36
C06 6YV B . -4.67 -10.24 -0.46
C07 6YV B . -5.70 -11.17 -0.74
C08 6YV B . -5.42 -12.54 -0.85
C09 6YV B . -4.12 -12.99 -0.70
C11 6YV B . -3.35 -10.71 -0.29
B12 6YV B . -2.16 -9.74 0.04
O13 6YV B . -0.86 -10.11 -0.06
O14 6YV B . -2.42 -8.96 1.17
C1 EDO C . 13.72 10.92 -5.40
O1 EDO C . 13.35 10.30 -6.64
C2 EDO C . 12.51 10.92 -4.47
O2 EDO C . 11.56 11.88 -4.92
C1 EDO D . 19.65 -1.08 -4.36
O1 EDO D . 20.04 -0.08 -3.42
C2 EDO D . 19.50 -2.40 -3.63
O2 EDO D . 18.32 -2.39 -2.81
C1 EDO E . -11.79 9.18 -5.38
O1 EDO E . -12.40 8.86 -4.12
C2 EDO E . -12.04 8.06 -6.37
O2 EDO E . -12.10 6.82 -5.67
#